data_7M1U
#
_entry.id   7M1U
#
_cell.length_a   139.168
_cell.length_b   124.024
_cell.length_c   86.261
_cell.angle_alpha   90.000
_cell.angle_beta   92.813
_cell.angle_gamma   90.000
#
_symmetry.space_group_name_H-M   'C 1 2 1'
#
_entity_poly.entity_id   1
_entity_poly.type   'polypeptide(L)'
_entity_poly.pdbx_seq_one_letter_code
;MVVIDLLIVEVVLFIAALLFSGFFSSSEVALISITRAKVHALQSQGRKGAKALDTLKRSTDAIQITTLIGSTIANVAVAS
LATAIGITLYGNLGIAVGLVVAAVLVLVFGEIGPKMYASRYTEELALRVSRPILFFSKLLYPVLWVTDRIEQQFAFRPGV
TEPVVTEEEIKEWIDVGEEEGTIEEEERDMLYSVLRFGDTTAREVMTPRVDVVMIEDTATLESALAIFNETGFSLIPVYH
ERIDNIVGLLNVKDVFSAVFRQQTSATIRDLMYEPYFIPESKKIDELLKELQVKKQHMAVVLDEYGSFAGIVTVEDMLEE
LVHHHHHH
;
_entity_poly.pdbx_strand_id   A,B
#
# COMPACT_ATOMS: atom_id res chain seq x y z
N VAL A 2 -2.90 17.81 48.64
CA VAL A 2 -1.94 16.91 49.26
C VAL A 2 -1.11 16.25 48.16
N VAL A 3 0.03 15.67 48.55
CA VAL A 3 0.91 15.03 47.57
C VAL A 3 0.28 13.74 47.06
N ILE A 4 -0.23 12.90 47.97
CA ILE A 4 -0.71 11.59 47.57
C ILE A 4 -1.94 11.71 46.67
N ASP A 5 -2.84 12.65 46.99
CA ASP A 5 -4.08 12.74 46.24
C ASP A 5 -3.86 13.36 44.85
N LEU A 6 -2.83 14.20 44.71
CA LEU A 6 -2.52 14.74 43.38
C LEU A 6 -1.74 13.74 42.54
N LEU A 7 -0.97 12.85 43.17
CA LEU A 7 -0.33 11.77 42.44
C LEU A 7 -1.36 10.75 41.97
N ILE A 8 -2.48 10.64 42.68
CA ILE A 8 -3.56 9.77 42.25
C ILE A 8 -4.31 10.38 41.07
N VAL A 9 -4.41 11.71 41.03
CA VAL A 9 -5.08 12.37 39.92
C VAL A 9 -4.24 12.26 38.64
N GLU A 10 -2.91 12.26 38.78
CA GLU A 10 -2.05 12.19 37.60
C GLU A 10 -1.91 10.76 37.08
N VAL A 11 -2.07 9.76 37.95
CA VAL A 11 -1.89 8.39 37.51
C VAL A 11 -3.10 7.92 36.70
N VAL A 12 -4.29 8.40 37.03
CA VAL A 12 -5.46 8.06 36.21
C VAL A 12 -5.46 8.87 34.93
N LEU A 13 -5.12 10.16 35.01
CA LEU A 13 -5.01 10.97 33.80
C LEU A 13 -3.91 10.44 32.88
N PHE A 14 -2.90 9.79 33.45
CA PHE A 14 -1.89 9.12 32.64
C PHE A 14 -2.51 7.94 31.89
N ILE A 15 -3.24 7.08 32.61
CA ILE A 15 -3.90 5.95 31.96
C ILE A 15 -4.87 6.45 30.91
N ALA A 16 -5.61 7.51 31.21
CA ALA A 16 -6.56 8.07 30.25
C ALA A 16 -5.83 8.65 29.04
N ALA A 17 -4.79 9.45 29.28
CA ALA A 17 -4.05 10.04 28.18
C ALA A 17 -3.46 8.98 27.27
N LEU A 18 -3.06 7.84 27.82
CA LEU A 18 -2.54 6.76 26.99
C LEU A 18 -3.64 6.11 26.18
N LEU A 19 -4.87 6.13 26.69
CA LEU A 19 -5.98 5.56 25.93
C LEU A 19 -6.36 6.45 24.75
N PHE A 20 -6.37 7.76 24.94
CA PHE A 20 -6.65 8.67 23.84
C PHE A 20 -5.70 8.45 22.68
N SER A 21 -4.39 8.36 22.97
CA SER A 21 -3.42 8.13 21.92
C SER A 21 -3.69 6.82 21.19
N GLY A 22 -4.26 5.83 21.88
CA GLY A 22 -4.68 4.62 21.21
C GLY A 22 -5.90 4.85 20.35
N PHE A 23 -6.82 5.69 20.81
CA PHE A 23 -7.99 6.02 20.02
C PHE A 23 -7.60 6.75 18.74
N PHE A 24 -6.79 7.79 18.87
CA PHE A 24 -6.38 8.55 17.69
C PHE A 24 -5.50 7.72 16.78
N SER A 25 -4.61 6.90 17.36
CA SER A 25 -3.67 6.15 16.54
C SER A 25 -4.34 4.97 15.84
N SER A 26 -5.19 4.23 16.57
CA SER A 26 -5.87 3.09 15.96
C SER A 26 -6.91 3.55 14.96
N SER A 27 -7.61 4.63 15.25
CA SER A 27 -8.61 5.14 14.31
C SER A 27 -7.95 5.65 13.03
N GLU A 28 -6.75 6.24 13.15
CA GLU A 28 -6.07 6.76 11.96
C GLU A 28 -5.80 5.66 10.96
N VAL A 29 -5.37 4.49 11.43
CA VAL A 29 -5.06 3.38 10.52
C VAL A 29 -6.34 2.81 9.91
N ALA A 30 -7.34 2.54 10.75
CA ALA A 30 -8.54 1.87 10.27
C ALA A 30 -9.32 2.75 9.30
N LEU A 31 -9.40 4.05 9.57
CA LEU A 31 -10.25 4.91 8.77
C LEU A 31 -9.70 5.08 7.36
N ILE A 32 -8.39 5.32 7.23
CA ILE A 32 -7.84 5.56 5.90
C ILE A 32 -7.82 4.29 5.07
N SER A 33 -7.69 3.12 5.71
CA SER A 33 -7.55 1.88 4.98
C SER A 33 -8.87 1.31 4.49
N ILE A 34 -10.00 1.71 5.09
CA ILE A 34 -11.29 1.21 4.64
C ILE A 34 -11.61 1.83 3.29
N THR A 35 -11.71 0.99 2.26
CA THR A 35 -11.88 1.48 0.90
C THR A 35 -13.20 2.22 0.75
N ARG A 36 -13.16 3.34 0.03
CA ARG A 36 -14.35 4.17 -0.13
C ARG A 36 -15.52 3.41 -0.73
N ALA A 37 -15.25 2.32 -1.47
CA ALA A 37 -16.33 1.47 -1.96
C ALA A 37 -17.00 0.72 -0.81
N LYS A 38 -16.22 0.37 0.22
CA LYS A 38 -16.80 -0.29 1.39
C LYS A 38 -17.58 0.70 2.25
N VAL A 39 -17.17 1.97 2.27
CA VAL A 39 -17.92 2.98 3.01
C VAL A 39 -19.29 3.19 2.39
N HIS A 40 -19.37 3.15 1.05
CA HIS A 40 -20.65 3.32 0.37
C HIS A 40 -21.60 2.19 0.73
N ALA A 41 -21.09 0.97 0.89
CA ALA A 41 -21.94 -0.16 1.24
C ALA A 41 -22.55 0.00 2.63
N LEU A 42 -21.79 0.54 3.57
CA LEU A 42 -22.25 0.61 4.96
C LEU A 42 -23.44 1.54 5.10
N GLN A 43 -23.44 2.67 4.38
CA GLN A 43 -24.50 3.65 4.55
C GLN A 43 -25.86 3.06 4.18
N SER A 44 -25.91 2.29 3.09
CA SER A 44 -27.16 1.67 2.65
C SER A 44 -27.48 0.40 3.43
N GLN A 45 -26.63 0.01 4.36
CA GLN A 45 -26.80 -1.24 5.11
C GLN A 45 -27.52 -1.04 6.44
N GLY A 46 -28.08 0.14 6.67
CA GLY A 46 -28.64 0.44 7.99
C GLY A 46 -27.63 0.28 9.10
N ARG A 47 -26.37 0.61 8.83
CA ARG A 47 -25.30 0.37 9.79
C ARG A 47 -25.19 1.52 10.77
N LYS A 48 -24.72 1.19 11.98
CA LYS A 48 -24.49 2.20 13.01
C LYS A 48 -23.49 3.23 12.53
N GLY A 49 -23.80 4.51 12.75
CA GLY A 49 -22.96 5.56 12.25
C GLY A 49 -22.90 5.53 10.73
N ALA A 50 -21.73 5.24 10.19
CA ALA A 50 -21.58 5.08 8.74
C ALA A 50 -21.86 6.38 8.00
N LYS A 51 -23.07 6.93 8.17
CA LYS A 51 -23.37 8.24 7.58
C LYS A 51 -22.33 9.26 7.98
N ALA A 52 -21.77 9.15 9.19
CA ALA A 52 -20.67 10.01 9.59
C ALA A 52 -19.36 9.56 8.95
N LEU A 53 -19.16 8.25 8.80
CA LEU A 53 -17.95 7.74 8.17
C LEU A 53 -17.79 8.29 6.76
N ASP A 54 -18.90 8.62 6.09
CA ASP A 54 -18.81 9.18 4.75
C ASP A 54 -18.35 10.64 4.80
N THR A 55 -18.88 11.41 5.75
CA THR A 55 -18.53 12.83 5.82
C THR A 55 -17.02 13.02 5.95
N LEU A 56 -16.36 12.13 6.70
CA LEU A 56 -14.92 12.25 6.90
C LEU A 56 -14.13 11.83 5.67
N LYS A 57 -14.62 10.87 4.91
CA LYS A 57 -13.86 10.35 3.79
C LYS A 57 -13.72 11.34 2.65
N ARG A 58 -14.53 12.40 2.63
CA ARG A 58 -14.45 13.36 1.54
C ARG A 58 -13.17 14.17 1.58
N SER A 59 -12.62 14.40 2.78
CA SER A 59 -11.36 15.14 2.95
C SER A 59 -10.33 14.19 3.53
N THR A 60 -9.30 13.87 2.74
CA THR A 60 -8.25 12.97 3.20
C THR A 60 -7.24 13.68 4.08
N ASP A 61 -7.17 15.01 4.03
CA ASP A 61 -6.26 15.75 4.89
C ASP A 61 -6.83 15.88 6.30
N ALA A 62 -8.13 16.16 6.41
CA ALA A 62 -8.73 16.38 7.73
C ALA A 62 -8.56 15.16 8.63
N ILE A 63 -8.70 13.96 8.07
CA ILE A 63 -8.55 12.76 8.89
C ILE A 63 -7.11 12.63 9.38
N GLN A 64 -6.14 13.07 8.58
CA GLN A 64 -4.75 13.00 9.00
C GLN A 64 -4.40 14.09 10.01
N ILE A 65 -5.08 15.24 9.93
CA ILE A 65 -4.84 16.32 10.88
C ILE A 65 -5.52 16.02 12.21
N THR A 66 -6.77 15.56 12.17
CA THR A 66 -7.50 15.31 13.41
C THR A 66 -6.88 14.19 14.22
N THR A 67 -6.31 13.18 13.55
CA THR A 67 -5.64 12.11 14.28
C THR A 67 -4.26 12.55 14.77
N LEU A 68 -3.54 13.30 13.95
CA LEU A 68 -2.22 13.78 14.36
C LEU A 68 -2.31 14.72 15.55
N ILE A 69 -3.18 15.74 15.45
CA ILE A 69 -3.31 16.70 16.54
C ILE A 69 -3.68 15.98 17.84
N GLY A 70 -4.63 15.05 17.76
CA GLY A 70 -5.05 14.33 18.94
C GLY A 70 -3.93 13.51 19.55
N SER A 71 -3.37 12.60 18.74
CA SER A 71 -2.32 11.72 19.27
C SER A 71 -1.13 12.52 19.78
N THR A 72 -0.83 13.66 19.16
CA THR A 72 0.27 14.48 19.63
C THR A 72 -0.01 15.06 21.00
N ILE A 73 -1.12 15.78 21.14
CA ILE A 73 -1.47 16.36 22.43
C ILE A 73 -1.63 15.28 23.48
N ALA A 74 -2.15 14.12 23.09
CA ALA A 74 -2.32 13.03 24.04
C ALA A 74 -0.97 12.43 24.44
N ASN A 75 -0.03 12.35 23.50
CA ASN A 75 1.29 11.80 23.82
C ASN A 75 2.15 12.78 24.60
N VAL A 76 2.02 14.08 24.34
CA VAL A 76 2.66 15.08 25.18
C VAL A 76 2.11 15.02 26.59
N ALA A 77 0.80 14.75 26.72
CA ALA A 77 0.18 14.67 28.03
C ALA A 77 0.66 13.43 28.79
N VAL A 78 0.78 12.30 28.09
CA VAL A 78 1.31 11.10 28.72
C VAL A 78 2.69 11.37 29.31
N ALA A 79 3.53 12.08 28.56
CA ALA A 79 4.88 12.37 29.03
C ALA A 79 4.89 13.43 30.11
N SER A 80 4.12 14.51 29.90
CA SER A 80 4.04 15.56 30.93
C SER A 80 3.58 14.99 32.26
N LEU A 81 2.73 13.96 32.24
CA LEU A 81 2.26 13.34 33.46
C LEU A 81 3.22 12.28 33.98
N ALA A 82 3.98 11.64 33.09
CA ALA A 82 4.95 10.64 33.53
C ALA A 82 6.14 11.27 34.22
N THR A 83 6.52 12.50 33.83
CA THR A 83 7.59 13.19 34.51
C THR A 83 7.10 13.90 35.77
N ALA A 84 5.83 14.35 35.78
CA ALA A 84 5.28 14.92 37.01
C ALA A 84 5.22 13.87 38.11
N ILE A 85 4.65 12.70 37.80
CA ILE A 85 4.68 11.59 38.75
C ILE A 85 6.11 11.14 38.97
N GLY A 86 6.92 11.12 37.91
CA GLY A 86 8.28 10.61 38.04
C GLY A 86 9.17 11.50 38.89
N ILE A 87 9.10 12.82 38.68
CA ILE A 87 10.01 13.70 39.39
C ILE A 87 9.66 13.76 40.88
N THR A 88 8.38 13.60 41.23
CA THR A 88 8.02 13.56 42.64
C THR A 88 8.45 12.26 43.30
N LEU A 89 8.60 11.19 42.52
CA LEU A 89 8.98 9.88 43.05
C LEU A 89 10.49 9.68 43.11
N TYR A 90 11.24 10.21 42.13
CA TYR A 90 12.66 9.93 42.01
C TYR A 90 13.46 11.20 41.78
N GLY A 91 13.13 12.26 42.50
CA GLY A 91 13.90 13.49 42.40
C GLY A 91 14.05 13.95 40.97
N ASN A 92 15.23 14.50 40.66
CA ASN A 92 15.49 14.97 39.31
C ASN A 92 15.88 13.86 38.35
N LEU A 93 16.08 12.64 38.85
CA LEU A 93 16.23 11.50 37.95
C LEU A 93 14.88 11.03 37.41
N GLY A 94 13.79 11.46 38.04
CA GLY A 94 12.47 11.09 37.55
C GLY A 94 12.14 11.70 36.20
N ILE A 95 12.76 12.81 35.84
CA ILE A 95 12.55 13.35 34.49
C ILE A 95 13.07 12.37 33.46
N ALA A 96 14.09 11.58 33.81
CA ALA A 96 14.60 10.58 32.90
C ALA A 96 13.71 9.34 32.88
N VAL A 97 13.24 8.91 34.05
CA VAL A 97 12.37 7.73 34.08
C VAL A 97 11.05 8.03 33.37
N GLY A 98 10.54 9.25 33.52
CA GLY A 98 9.32 9.61 32.83
C GLY A 98 9.47 9.65 31.33
N LEU A 99 10.67 9.94 30.84
CA LEU A 99 10.93 9.89 29.41
C LEU A 99 10.95 8.45 28.91
N VAL A 100 11.52 7.54 29.70
CA VAL A 100 11.64 6.15 29.27
C VAL A 100 10.28 5.46 29.33
N VAL A 101 9.59 5.56 30.47
CA VAL A 101 8.33 4.86 30.64
C VAL A 101 7.29 5.37 29.66
N ALA A 102 7.22 6.70 29.49
CA ALA A 102 6.22 7.27 28.59
C ALA A 102 6.53 6.90 27.14
N ALA A 103 7.81 6.91 26.76
CA ALA A 103 8.17 6.63 25.38
C ALA A 103 8.00 5.15 25.04
N VAL A 104 8.20 4.26 26.00
CA VAL A 104 8.09 2.84 25.71
C VAL A 104 6.63 2.39 25.75
N LEU A 105 5.79 3.04 26.57
CA LEU A 105 4.38 2.67 26.63
C LEU A 105 3.59 3.27 25.48
N VAL A 106 3.86 4.54 25.15
CA VAL A 106 3.12 5.20 24.07
C VAL A 106 3.33 4.47 22.76
N LEU A 107 4.56 4.02 22.50
CA LEU A 107 4.83 3.27 21.27
C LEU A 107 4.08 1.93 21.28
N VAL A 108 4.23 1.17 22.36
CA VAL A 108 3.65 -0.17 22.41
C VAL A 108 2.14 -0.11 22.46
N PHE A 109 1.59 0.65 23.42
CA PHE A 109 0.16 0.64 23.70
C PHE A 109 -0.56 1.89 23.21
N GLY A 110 0.15 2.84 22.61
CA GLY A 110 -0.48 4.09 22.21
C GLY A 110 -0.39 4.39 20.74
N GLU A 111 0.56 3.77 20.05
CA GLU A 111 0.79 4.05 18.64
C GLU A 111 0.97 2.77 17.83
N ILE A 112 1.95 1.94 18.21
CA ILE A 112 2.22 0.74 17.42
C ILE A 112 1.15 -0.32 17.67
N GLY A 113 0.88 -0.63 18.93
CA GLY A 113 -0.07 -1.65 19.30
C GLY A 113 -1.47 -1.39 18.77
N PRO A 114 -2.06 -0.25 19.12
CA PRO A 114 -3.35 0.11 18.53
C PRO A 114 -3.38 0.10 17.01
N LYS A 115 -2.24 0.20 16.32
CA LYS A 115 -2.28 0.04 14.86
C LYS A 115 -2.54 -1.41 14.47
N MET A 116 -2.10 -2.36 15.30
CA MET A 116 -2.32 -3.76 15.01
C MET A 116 -3.80 -4.12 15.05
N TYR A 117 -4.52 -3.60 16.05
CA TYR A 117 -5.96 -3.86 16.11
C TYR A 117 -6.69 -3.24 14.93
N ALA A 118 -6.15 -2.14 14.38
CA ALA A 118 -6.79 -1.51 13.24
C ALA A 118 -6.69 -2.39 11.99
N SER A 119 -5.53 -3.03 11.78
CA SER A 119 -5.36 -3.86 10.60
C SER A 119 -6.28 -5.07 10.63
N ARG A 120 -6.43 -5.69 11.81
CA ARG A 120 -7.31 -6.86 11.92
C ARG A 120 -8.77 -6.47 11.96
N TYR A 121 -9.10 -5.28 12.50
CA TYR A 121 -10.48 -4.83 12.65
C TYR A 121 -10.59 -3.40 12.12
N THR A 122 -10.40 -3.25 10.82
CA THR A 122 -10.48 -1.93 10.21
C THR A 122 -11.93 -1.47 10.05
N GLU A 123 -12.87 -2.39 9.82
CA GLU A 123 -14.25 -2.00 9.55
C GLU A 123 -14.98 -1.58 10.82
N GLU A 124 -15.13 -2.48 11.78
CA GLU A 124 -15.92 -2.19 12.96
C GLU A 124 -15.33 -1.02 13.75
N LEU A 125 -14.01 -0.95 13.84
CA LEU A 125 -13.39 0.18 14.54
C LEU A 125 -13.75 1.51 13.89
N ALA A 126 -13.90 1.52 12.57
CA ALA A 126 -14.25 2.76 11.87
C ALA A 126 -15.64 3.24 12.28
N LEU A 127 -16.62 2.34 12.24
CA LEU A 127 -17.98 2.72 12.62
C LEU A 127 -18.08 3.07 14.11
N ARG A 128 -17.19 2.50 14.93
CA ARG A 128 -17.17 2.79 16.35
C ARG A 128 -16.48 4.11 16.67
N VAL A 129 -15.61 4.60 15.78
CA VAL A 129 -14.89 5.84 15.98
C VAL A 129 -15.23 6.88 14.91
N SER A 130 -16.28 6.64 14.12
CA SER A 130 -16.63 7.55 13.04
C SER A 130 -17.10 8.89 13.58
N ARG A 131 -18.18 8.88 14.37
CA ARG A 131 -18.72 10.12 14.91
C ARG A 131 -17.76 10.83 15.85
N PRO A 132 -17.07 10.15 16.77
CA PRO A 132 -16.15 10.87 17.65
C PRO A 132 -15.16 11.74 16.91
N ILE A 133 -14.43 11.19 15.94
CA ILE A 133 -13.46 11.97 15.19
C ILE A 133 -14.14 13.07 14.40
N LEU A 134 -15.46 13.00 14.22
CA LEU A 134 -16.14 14.03 13.46
C LEU A 134 -16.46 15.27 14.32
N PHE A 135 -16.74 15.11 15.61
CA PHE A 135 -16.89 16.30 16.46
C PHE A 135 -15.56 16.82 16.96
N PHE A 136 -14.50 15.98 16.94
CA PHE A 136 -13.16 16.50 17.17
C PHE A 136 -12.73 17.42 16.03
N SER A 137 -13.15 17.11 14.80
CA SER A 137 -12.82 17.95 13.66
C SER A 137 -13.53 19.28 13.74
N LYS A 138 -14.78 19.29 14.23
CA LYS A 138 -15.53 20.54 14.32
C LYS A 138 -14.87 21.52 15.27
N LEU A 139 -14.37 21.03 16.41
CA LEU A 139 -13.76 21.91 17.39
C LEU A 139 -12.31 22.23 17.06
N LEU A 140 -11.64 21.39 16.27
CA LEU A 140 -10.32 21.71 15.73
C LEU A 140 -10.42 22.48 14.42
N TYR A 141 -11.56 23.11 14.16
CA TYR A 141 -11.77 23.77 12.86
C TYR A 141 -10.75 24.86 12.58
N PRO A 142 -10.44 25.77 13.51
CA PRO A 142 -9.52 26.86 13.18
C PRO A 142 -8.17 26.38 12.66
N VAL A 143 -7.58 25.36 13.27
CA VAL A 143 -6.29 24.86 12.81
C VAL A 143 -6.42 24.23 11.42
N LEU A 144 -7.52 23.51 11.18
CA LEU A 144 -7.71 22.87 9.88
C LEU A 144 -7.75 23.89 8.75
N TRP A 145 -8.50 24.99 8.95
CA TRP A 145 -8.49 26.05 7.95
C TRP A 145 -7.10 26.64 7.79
N VAL A 146 -6.35 26.74 8.89
CA VAL A 146 -4.99 27.27 8.81
C VAL A 146 -4.10 26.35 7.99
N THR A 147 -4.22 25.03 8.20
CA THR A 147 -3.39 24.09 7.46
C THR A 147 -3.81 24.00 6.00
N ASP A 148 -5.08 24.22 5.69
CA ASP A 148 -5.51 24.24 4.29
C ASP A 148 -4.98 25.48 3.58
N ARG A 149 -5.00 26.63 4.26
CA ARG A 149 -4.43 27.84 3.69
C ARG A 149 -2.94 27.66 3.45
N ILE A 150 -2.22 27.10 4.42
CA ILE A 150 -0.80 26.82 4.23
C ILE A 150 -0.59 25.88 3.05
N GLU A 151 -1.51 24.95 2.83
CA GLU A 151 -1.41 24.02 1.71
C GLU A 151 -2.08 24.59 0.45
N VAL A 164 2.52 6.26 -18.11
CA VAL A 164 3.61 6.50 -19.03
C VAL A 164 3.82 5.29 -19.93
N VAL A 165 2.72 4.63 -20.28
CA VAL A 165 2.75 3.43 -21.11
C VAL A 165 2.95 3.82 -22.58
N THR A 166 4.20 4.09 -22.95
CA THR A 166 4.51 4.44 -24.33
C THR A 166 4.28 3.23 -25.23
N GLU A 167 3.59 3.46 -26.35
CA GLU A 167 3.37 2.38 -27.30
C GLU A 167 4.68 1.89 -27.90
N GLU A 168 5.60 2.81 -28.19
CA GLU A 168 6.88 2.42 -28.78
C GLU A 168 7.77 1.71 -27.77
N GLU A 169 7.66 2.06 -26.49
CA GLU A 169 8.47 1.40 -25.47
C GLU A 169 8.23 -0.10 -25.46
N ILE A 170 6.96 -0.51 -25.52
CA ILE A 170 6.66 -1.93 -25.55
C ILE A 170 7.20 -2.56 -26.83
N LYS A 171 6.99 -1.89 -27.96
CA LYS A 171 7.47 -2.42 -29.23
C LYS A 171 8.98 -2.60 -29.21
N GLU A 172 9.71 -1.53 -28.91
CA GLU A 172 11.17 -1.64 -28.86
C GLU A 172 11.61 -2.64 -27.79
N TRP A 173 11.05 -2.54 -26.59
CA TRP A 173 11.42 -3.46 -25.52
C TRP A 173 11.20 -4.91 -25.95
N ILE A 174 10.09 -5.19 -26.63
CA ILE A 174 9.82 -6.54 -27.10
C ILE A 174 10.80 -6.93 -28.19
N ASP A 175 10.92 -6.09 -29.23
CA ASP A 175 11.85 -6.38 -30.32
C ASP A 175 13.28 -6.55 -29.82
N VAL A 176 13.65 -5.78 -28.80
CA VAL A 176 14.94 -6.04 -28.14
C VAL A 176 14.96 -7.44 -27.56
N GLY A 177 13.85 -7.85 -26.93
CA GLY A 177 13.76 -9.21 -26.44
C GLY A 177 13.78 -10.24 -27.56
N GLU A 178 13.06 -9.96 -28.64
CA GLU A 178 13.10 -10.86 -29.79
C GLU A 178 14.52 -11.00 -30.33
N GLU A 179 15.33 -9.93 -30.25
CA GLU A 179 16.72 -10.02 -30.68
C GLU A 179 17.53 -10.88 -29.72
N GLU A 180 17.30 -10.72 -28.42
CA GLU A 180 18.01 -11.52 -27.42
C GLU A 180 17.61 -13.00 -27.46
N GLY A 181 16.53 -13.34 -28.16
CA GLY A 181 15.93 -14.66 -28.03
C GLY A 181 15.16 -14.86 -26.75
N THR A 182 15.19 -13.89 -25.83
CA THR A 182 14.44 -14.01 -24.58
C THR A 182 12.94 -13.98 -24.84
N ILE A 183 12.51 -13.27 -25.88
CA ILE A 183 11.14 -13.32 -26.37
C ILE A 183 11.19 -13.84 -27.80
N GLU A 184 10.07 -14.37 -28.26
CA GLU A 184 9.93 -14.86 -29.62
C GLU A 184 9.10 -13.89 -30.44
N GLU A 185 9.34 -13.88 -31.75
CA GLU A 185 8.52 -13.05 -32.64
C GLU A 185 7.12 -13.64 -32.79
N GLU A 186 7.01 -14.98 -32.74
CA GLU A 186 5.70 -15.62 -32.86
C GLU A 186 4.78 -15.23 -31.72
N GLU A 187 5.33 -15.04 -30.51
CA GLU A 187 4.54 -14.76 -29.32
C GLU A 187 4.33 -13.27 -29.07
N ARG A 188 4.44 -12.44 -30.12
CA ARG A 188 4.31 -11.00 -29.92
C ARG A 188 2.88 -10.61 -29.58
N ASP A 189 1.91 -11.16 -30.31
CA ASP A 189 0.51 -10.78 -30.12
C ASP A 189 0.06 -11.00 -28.68
N MET A 190 0.25 -12.21 -28.16
CA MET A 190 -0.17 -12.49 -26.80
C MET A 190 0.49 -11.56 -25.80
N LEU A 191 1.75 -11.15 -26.06
CA LEU A 191 2.45 -10.26 -25.15
C LEU A 191 1.90 -8.84 -25.23
N TYR A 192 1.71 -8.33 -26.45
CA TYR A 192 1.16 -6.98 -26.59
C TYR A 192 -0.23 -6.87 -26.00
N SER A 193 -1.02 -7.94 -26.09
CA SER A 193 -2.37 -7.92 -25.53
C SER A 193 -2.34 -8.03 -24.01
N VAL A 194 -1.61 -9.02 -23.49
CA VAL A 194 -1.57 -9.25 -22.05
C VAL A 194 -1.14 -7.99 -21.31
N LEU A 195 -0.30 -7.16 -21.93
CA LEU A 195 0.09 -5.91 -21.30
C LEU A 195 -1.08 -4.94 -21.23
N ARG A 196 -1.87 -4.85 -22.31
CA ARG A 196 -3.04 -3.98 -22.30
C ARG A 196 -4.10 -4.49 -21.33
N PHE A 197 -4.20 -5.81 -21.17
CA PHE A 197 -5.20 -6.36 -20.26
C PHE A 197 -4.94 -5.95 -18.83
N GLY A 198 -3.68 -6.04 -18.38
CA GLY A 198 -3.35 -5.65 -17.02
C GLY A 198 -3.42 -4.16 -16.78
N ASP A 199 -3.07 -3.37 -17.79
CA ASP A 199 -3.05 -1.92 -17.68
C ASP A 199 -4.40 -1.28 -17.99
N THR A 200 -5.44 -2.08 -18.20
CA THR A 200 -6.77 -1.56 -18.47
C THR A 200 -7.56 -1.38 -17.19
N THR A 201 -8.23 -0.23 -17.07
CA THR A 201 -9.01 0.09 -15.90
C THR A 201 -10.45 -0.38 -16.07
N ALA A 202 -11.22 -0.29 -14.99
CA ALA A 202 -12.64 -0.61 -15.06
C ALA A 202 -13.37 0.42 -15.92
N ARG A 203 -13.02 1.70 -15.78
CA ARG A 203 -13.67 2.74 -16.58
C ARG A 203 -13.63 2.39 -18.06
N GLU A 204 -12.49 1.93 -18.55
CA GLU A 204 -12.34 1.67 -19.97
C GLU A 204 -13.24 0.54 -20.45
N VAL A 205 -13.70 -0.34 -19.55
CA VAL A 205 -14.55 -1.46 -19.94
C VAL A 205 -15.95 -1.36 -19.34
N MET A 206 -16.21 -0.38 -18.49
CA MET A 206 -17.48 -0.31 -17.79
C MET A 206 -18.58 0.21 -18.72
N THR A 207 -19.73 -0.44 -18.66
CA THR A 207 -20.93 0.11 -19.31
C THR A 207 -21.31 1.39 -18.58
N PRO A 208 -21.37 2.53 -19.27
CA PRO A 208 -21.56 3.80 -18.54
C PRO A 208 -22.86 3.82 -17.77
N ARG A 209 -22.90 4.68 -16.75
CA ARG A 209 -24.10 4.78 -15.93
C ARG A 209 -25.33 5.07 -16.79
N VAL A 210 -25.17 5.91 -17.80
CA VAL A 210 -26.34 6.41 -18.54
C VAL A 210 -27.08 5.26 -19.23
N ASP A 211 -26.35 4.24 -19.69
CA ASP A 211 -26.95 3.14 -20.43
C ASP A 211 -27.35 1.96 -19.55
N VAL A 212 -27.32 2.12 -18.23
CA VAL A 212 -27.64 1.03 -17.32
C VAL A 212 -29.12 1.05 -17.00
N VAL A 213 -29.72 -0.14 -16.86
CA VAL A 213 -31.12 -0.30 -16.48
C VAL A 213 -31.18 -0.85 -15.08
N MET A 214 -31.90 -0.17 -14.20
CA MET A 214 -31.95 -0.50 -12.79
C MET A 214 -33.40 -0.62 -12.35
N ILE A 215 -33.61 -0.94 -11.08
CA ILE A 215 -34.93 -1.02 -10.49
C ILE A 215 -34.84 -0.44 -9.09
N GLU A 216 -35.75 0.48 -8.77
CA GLU A 216 -35.74 1.08 -7.44
C GLU A 216 -36.10 0.04 -6.39
N ASP A 217 -35.46 0.14 -5.22
CA ASP A 217 -35.68 -0.85 -4.17
C ASP A 217 -37.14 -0.86 -3.70
N THR A 218 -37.86 0.25 -3.89
CA THR A 218 -39.26 0.33 -3.49
C THR A 218 -40.20 -0.30 -4.51
N ALA A 219 -39.69 -0.81 -5.63
CA ALA A 219 -40.54 -1.32 -6.69
C ALA A 219 -40.99 -2.76 -6.38
N THR A 220 -41.98 -3.21 -7.14
CA THR A 220 -42.55 -4.53 -6.95
C THR A 220 -41.76 -5.59 -7.69
N LEU A 221 -41.80 -6.82 -7.16
CA LEU A 221 -41.21 -7.94 -7.88
C LEU A 221 -41.89 -8.17 -9.22
N GLU A 222 -43.19 -7.86 -9.31
CA GLU A 222 -43.89 -7.95 -10.58
C GLU A 222 -43.36 -6.92 -11.58
N SER A 223 -42.93 -5.75 -11.09
CA SER A 223 -42.33 -4.76 -11.98
C SER A 223 -40.92 -5.16 -12.39
N ALA A 224 -40.18 -5.82 -11.50
CA ALA A 224 -38.84 -6.28 -11.85
C ALA A 224 -38.89 -7.24 -13.04
N LEU A 225 -39.83 -8.19 -13.02
CA LEU A 225 -39.94 -9.13 -14.12
C LEU A 225 -40.14 -8.42 -15.44
N ALA A 226 -40.93 -7.34 -15.46
CA ALA A 226 -41.11 -6.57 -16.67
C ALA A 226 -39.78 -6.03 -17.18
N ILE A 227 -38.91 -5.62 -16.26
CA ILE A 227 -37.60 -5.11 -16.66
C ILE A 227 -36.72 -6.24 -17.17
N PHE A 228 -36.75 -7.40 -16.50
CA PHE A 228 -35.92 -8.51 -16.93
C PHE A 228 -36.31 -8.98 -18.32
N ASN A 229 -37.61 -9.00 -18.62
CA ASN A 229 -38.05 -9.42 -19.94
C ASN A 229 -37.79 -8.34 -20.99
N GLU A 230 -38.17 -7.10 -20.68
CA GLU A 230 -38.01 -6.02 -21.65
C GLU A 230 -36.56 -5.89 -22.09
N THR A 231 -35.63 -5.86 -21.12
CA THR A 231 -34.23 -5.68 -21.45
C THR A 231 -33.58 -6.99 -21.89
N GLY A 232 -33.98 -8.10 -21.29
CA GLY A 232 -33.32 -9.37 -21.49
C GLY A 232 -32.20 -9.66 -20.51
N PHE A 233 -31.82 -8.69 -19.69
CA PHE A 233 -30.75 -8.90 -18.72
C PHE A 233 -31.24 -9.80 -17.60
N SER A 234 -30.30 -10.51 -16.99
CA SER A 234 -30.63 -11.37 -15.84
C SER A 234 -30.41 -10.67 -14.51
N LEU A 235 -29.42 -9.80 -14.42
CA LEU A 235 -29.11 -9.06 -13.20
C LEU A 235 -29.21 -7.57 -13.49
N ILE A 236 -30.06 -6.88 -12.74
CA ILE A 236 -30.23 -5.43 -12.86
C ILE A 236 -29.94 -4.81 -11.50
N PRO A 237 -29.18 -3.73 -11.43
CA PRO A 237 -28.90 -3.12 -10.13
C PRO A 237 -30.16 -2.61 -9.48
N VAL A 238 -29.99 -2.16 -8.24
CA VAL A 238 -31.06 -1.57 -7.45
C VAL A 238 -30.56 -0.25 -6.90
N TYR A 239 -31.36 0.79 -7.05
CA TYR A 239 -31.03 2.12 -6.56
C TYR A 239 -32.06 2.54 -5.53
N HIS A 240 -31.58 2.90 -4.34
CA HIS A 240 -32.48 3.15 -3.22
C HIS A 240 -33.35 4.38 -3.47
N GLU A 241 -32.74 5.49 -3.86
CA GLU A 241 -33.46 6.74 -4.06
C GLU A 241 -33.10 7.45 -5.35
N ARG A 242 -31.81 7.52 -5.70
CA ARG A 242 -31.36 8.20 -6.90
C ARG A 242 -30.54 7.26 -7.74
N ILE A 243 -30.50 7.52 -9.05
CA ILE A 243 -29.68 6.73 -9.95
C ILE A 243 -28.21 6.82 -9.59
N ASP A 244 -27.80 7.88 -8.88
CA ASP A 244 -26.45 7.95 -8.37
C ASP A 244 -26.15 6.83 -7.37
N ASN A 245 -27.18 6.18 -6.85
CA ASN A 245 -27.06 5.21 -5.78
C ASN A 245 -27.29 3.80 -6.32
N ILE A 246 -26.43 2.88 -5.92
CA ILE A 246 -26.61 1.47 -6.18
C ILE A 246 -26.50 0.75 -4.84
N VAL A 247 -27.55 0.04 -4.45
CA VAL A 247 -27.59 -0.63 -3.16
C VAL A 247 -27.55 -2.15 -3.28
N GLY A 248 -27.77 -2.70 -4.47
CA GLY A 248 -27.78 -4.13 -4.61
C GLY A 248 -28.05 -4.53 -6.04
N LEU A 249 -27.87 -5.82 -6.29
CA LEU A 249 -28.15 -6.44 -7.58
C LEU A 249 -29.25 -7.47 -7.40
N LEU A 250 -30.11 -7.60 -8.42
CA LEU A 250 -31.29 -8.45 -8.34
C LEU A 250 -31.23 -9.46 -9.47
N ASN A 251 -31.23 -10.74 -9.12
CA ASN A 251 -31.22 -11.82 -10.10
C ASN A 251 -32.65 -12.19 -10.47
N VAL A 252 -32.92 -12.30 -11.77
CA VAL A 252 -34.26 -12.66 -12.22
C VAL A 252 -34.65 -14.03 -11.68
N LYS A 253 -33.69 -14.96 -11.65
CA LYS A 253 -33.99 -16.30 -11.16
C LYS A 253 -34.57 -16.28 -9.76
N ASP A 254 -34.13 -15.32 -8.93
CA ASP A 254 -34.69 -15.21 -7.59
C ASP A 254 -36.06 -14.55 -7.60
N VAL A 255 -36.32 -13.65 -8.56
CA VAL A 255 -37.61 -12.99 -8.62
C VAL A 255 -38.69 -13.95 -9.12
N PHE A 256 -38.34 -14.78 -10.10
CA PHE A 256 -39.30 -15.75 -10.62
C PHE A 256 -39.68 -16.76 -9.53
N SER A 257 -38.68 -17.31 -8.84
CA SER A 257 -38.97 -18.26 -7.77
C SER A 257 -39.83 -17.64 -6.69
N ALA A 258 -39.71 -16.32 -6.48
CA ALA A 258 -40.50 -15.65 -5.46
C ALA A 258 -41.96 -15.54 -5.89
N VAL A 259 -42.22 -14.89 -7.03
CA VAL A 259 -43.59 -14.70 -7.48
C VAL A 259 -44.32 -16.03 -7.62
N PHE A 260 -43.58 -17.12 -7.88
CA PHE A 260 -44.23 -18.42 -8.03
C PHE A 260 -44.70 -18.97 -6.70
N ARG A 261 -43.93 -18.74 -5.64
CA ARG A 261 -44.27 -19.24 -4.30
C ARG A 261 -43.90 -18.22 -3.24
N GLN A 262 -44.16 -16.94 -3.51
CA GLN A 262 -43.78 -15.89 -2.56
C GLN A 262 -44.51 -16.08 -1.23
N GLN A 263 -45.85 -16.02 -1.25
CA GLN A 263 -46.65 -16.14 -0.04
C GLN A 263 -46.53 -14.89 0.82
N THR A 264 -45.29 -14.52 1.19
CA THR A 264 -45.05 -13.35 2.02
C THR A 264 -44.86 -12.07 1.20
N SER A 265 -44.56 -12.20 -0.09
CA SER A 265 -44.36 -11.04 -0.97
C SER A 265 -43.16 -10.22 -0.52
N ALA A 266 -41.98 -10.84 -0.59
CA ALA A 266 -40.75 -10.17 -0.21
C ALA A 266 -40.42 -9.06 -1.20
N THR A 267 -39.86 -7.95 -0.68
CA THR A 267 -39.54 -6.81 -1.51
C THR A 267 -38.14 -6.96 -2.09
N ILE A 268 -37.73 -5.97 -2.88
CA ILE A 268 -36.43 -6.03 -3.54
C ILE A 268 -35.31 -6.08 -2.50
N ARG A 269 -35.42 -5.28 -1.46
CA ARG A 269 -34.38 -5.25 -0.44
C ARG A 269 -34.18 -6.62 0.21
N ASP A 270 -35.22 -7.44 0.24
CA ASP A 270 -35.11 -8.76 0.85
C ASP A 270 -34.49 -9.79 -0.09
N LEU A 271 -34.58 -9.58 -1.40
CA LEU A 271 -34.10 -10.54 -2.38
C LEU A 271 -32.85 -10.10 -3.11
N MET A 272 -32.51 -8.81 -3.09
CA MET A 272 -31.28 -8.35 -3.71
C MET A 272 -30.08 -8.86 -2.90
N TYR A 273 -28.89 -8.52 -3.37
CA TYR A 273 -27.66 -8.88 -2.68
C TYR A 273 -26.64 -7.76 -2.87
N GLU A 274 -25.83 -7.55 -1.83
CA GLU A 274 -24.84 -6.48 -1.86
C GLU A 274 -23.92 -6.67 -3.05
N PRO A 275 -23.76 -5.65 -3.90
CA PRO A 275 -22.89 -5.81 -5.08
C PRO A 275 -21.43 -5.83 -4.69
N TYR A 276 -20.55 -5.92 -5.68
CA TYR A 276 -19.11 -5.78 -5.49
C TYR A 276 -18.75 -4.40 -6.03
N PHE A 277 -18.83 -3.40 -5.17
CA PHE A 277 -18.44 -2.06 -5.55
C PHE A 277 -16.93 -2.01 -5.81
N ILE A 278 -16.54 -1.29 -6.84
CA ILE A 278 -15.13 -1.08 -7.16
C ILE A 278 -14.94 0.33 -7.67
N PRO A 279 -13.71 0.83 -7.63
CA PRO A 279 -13.43 2.15 -8.22
C PRO A 279 -13.18 2.04 -9.72
N GLU A 280 -13.33 3.19 -10.39
CA GLU A 280 -13.07 3.25 -11.82
C GLU A 280 -11.65 2.78 -12.17
N SER A 281 -10.75 2.78 -11.19
CA SER A 281 -9.34 2.48 -11.44
C SER A 281 -9.00 1.01 -11.27
N LYS A 282 -9.90 0.20 -10.72
CA LYS A 282 -9.61 -1.21 -10.48
C LYS A 282 -9.15 -1.89 -11.77
N LYS A 283 -7.88 -2.28 -11.82
CA LYS A 283 -7.36 -2.99 -12.98
C LYS A 283 -8.16 -4.28 -13.17
N ILE A 284 -8.69 -4.48 -14.38
CA ILE A 284 -9.52 -5.66 -14.63
C ILE A 284 -8.78 -6.93 -14.30
N ASP A 285 -7.44 -6.92 -14.41
CA ASP A 285 -6.67 -8.09 -14.02
C ASP A 285 -6.98 -8.49 -12.59
N GLU A 286 -7.13 -7.51 -11.69
CA GLU A 286 -7.53 -7.79 -10.32
C GLU A 286 -9.03 -8.08 -10.23
N LEU A 287 -9.82 -7.37 -11.04
CA LEU A 287 -11.28 -7.50 -10.94
C LEU A 287 -11.73 -8.91 -11.32
N LEU A 288 -11.07 -9.53 -12.32
CA LEU A 288 -11.49 -10.85 -12.75
C LEU A 288 -11.24 -11.90 -11.67
N LYS A 289 -10.02 -11.92 -11.13
CA LYS A 289 -9.71 -12.88 -10.08
C LYS A 289 -10.54 -12.63 -8.83
N GLU A 290 -10.78 -11.36 -8.51
CA GLU A 290 -11.56 -11.02 -7.32
C GLU A 290 -13.03 -11.38 -7.49
N LEU A 291 -13.58 -11.19 -8.71
CA LEU A 291 -14.98 -11.51 -8.94
C LEU A 291 -15.20 -13.02 -9.00
N GLN A 292 -14.32 -13.74 -9.68
CA GLN A 292 -14.51 -15.19 -9.80
C GLN A 292 -14.25 -15.90 -8.48
N VAL A 293 -13.43 -15.31 -7.61
CA VAL A 293 -13.27 -15.86 -6.26
C VAL A 293 -14.56 -15.69 -5.47
N LYS A 294 -15.20 -14.53 -5.59
CA LYS A 294 -16.48 -14.29 -4.95
C LYS A 294 -17.63 -15.04 -5.62
N LYS A 295 -17.35 -15.82 -6.66
CA LYS A 295 -18.37 -16.50 -7.45
C LYS A 295 -19.40 -15.54 -8.03
N GLN A 296 -19.13 -14.24 -7.94
CA GLN A 296 -19.95 -13.19 -8.54
C GLN A 296 -19.28 -12.73 -9.82
N HIS A 297 -20.09 -12.34 -10.80
CA HIS A 297 -19.58 -12.04 -12.12
C HIS A 297 -19.89 -10.63 -12.60
N MET A 298 -20.63 -9.84 -11.83
CA MET A 298 -20.85 -8.42 -12.11
C MET A 298 -20.29 -7.60 -10.97
N ALA A 299 -19.88 -6.37 -11.27
CA ALA A 299 -19.31 -5.48 -10.28
C ALA A 299 -19.79 -4.06 -10.53
N VAL A 300 -20.47 -3.48 -9.54
CA VAL A 300 -20.84 -2.08 -9.63
C VAL A 300 -19.57 -1.23 -9.53
N VAL A 301 -19.57 -0.10 -10.25
CA VAL A 301 -18.40 0.76 -10.34
C VAL A 301 -18.83 2.15 -9.90
N LEU A 302 -18.30 2.61 -8.79
CA LEU A 302 -18.57 3.93 -8.25
C LEU A 302 -17.48 4.89 -8.69
N ASP A 303 -17.39 6.05 -8.04
CA ASP A 303 -16.39 7.04 -8.37
C ASP A 303 -15.88 7.68 -7.08
N GLU A 304 -15.01 8.67 -7.23
CA GLU A 304 -14.33 9.25 -6.07
C GLU A 304 -15.33 9.84 -5.08
N TYR A 305 -16.36 10.53 -5.57
CA TYR A 305 -17.34 11.15 -4.69
C TYR A 305 -18.34 10.16 -4.12
N GLY A 306 -18.24 8.88 -4.47
CA GLY A 306 -19.18 7.89 -4.00
C GLY A 306 -20.44 7.74 -4.82
N SER A 307 -20.51 8.38 -5.98
CA SER A 307 -21.70 8.29 -6.81
C SER A 307 -21.70 6.95 -7.55
N PHE A 308 -22.56 6.83 -8.56
CA PHE A 308 -22.61 5.65 -9.43
C PHE A 308 -22.07 6.06 -10.79
N ALA A 309 -21.32 5.14 -11.42
CA ALA A 309 -20.68 5.45 -12.69
C ALA A 309 -20.83 4.38 -13.75
N GLY A 310 -21.15 3.14 -13.38
CA GLY A 310 -21.34 2.09 -14.37
C GLY A 310 -21.24 0.73 -13.72
N ILE A 311 -21.22 -0.30 -14.58
CA ILE A 311 -21.10 -1.68 -14.14
C ILE A 311 -20.12 -2.40 -15.05
N VAL A 312 -19.63 -3.54 -14.56
CA VAL A 312 -18.67 -4.34 -15.30
C VAL A 312 -19.03 -5.81 -15.13
N THR A 313 -19.20 -6.50 -16.25
CA THR A 313 -19.40 -7.94 -16.27
C THR A 313 -18.13 -8.62 -16.78
N VAL A 314 -18.04 -9.93 -16.54
CA VAL A 314 -16.81 -10.64 -16.88
C VAL A 314 -16.57 -10.64 -18.39
N GLU A 315 -17.64 -10.64 -19.18
CA GLU A 315 -17.46 -10.58 -20.63
C GLU A 315 -16.85 -9.25 -21.05
N ASP A 316 -17.29 -8.14 -20.45
CA ASP A 316 -16.71 -6.84 -20.77
C ASP A 316 -15.20 -6.87 -20.67
N MET A 317 -14.67 -7.42 -19.57
CA MET A 317 -13.23 -7.44 -19.37
C MET A 317 -12.52 -8.28 -20.41
N LEU A 318 -13.17 -9.32 -20.92
CA LEU A 318 -12.56 -10.24 -21.87
C LEU A 318 -12.94 -9.95 -23.30
N GLU A 319 -13.81 -8.97 -23.54
CA GLU A 319 -14.30 -8.73 -24.89
C GLU A 319 -13.21 -8.16 -25.79
N GLU A 320 -12.62 -7.02 -25.39
CA GLU A 320 -11.60 -6.39 -26.21
C GLU A 320 -10.43 -7.33 -26.46
N LEU A 321 -10.10 -8.17 -25.49
CA LEU A 321 -8.98 -9.09 -25.68
C LEU A 321 -9.33 -10.18 -26.69
N VAL A 322 -10.54 -10.73 -26.61
CA VAL A 322 -10.92 -11.81 -27.51
C VAL A 322 -11.10 -11.29 -28.93
N HIS A 323 -11.81 -10.16 -29.07
CA HIS A 323 -12.05 -9.60 -30.40
C HIS A 323 -10.78 -9.05 -31.03
N HIS A 324 -9.73 -8.79 -30.24
CA HIS A 324 -8.46 -8.31 -30.77
C HIS A 324 -7.64 -9.46 -31.34
N MET B 1 25.45 19.91 40.70
CA MET B 1 24.47 20.53 39.77
C MET B 1 23.93 21.82 40.38
N VAL B 2 22.93 22.41 39.72
CA VAL B 2 22.31 23.65 40.20
C VAL B 2 20.99 23.79 39.47
N VAL B 3 20.08 24.58 40.05
CA VAL B 3 18.79 24.80 39.42
C VAL B 3 18.97 25.44 38.04
N ILE B 4 19.62 26.61 38.01
CA ILE B 4 19.82 27.31 36.74
C ILE B 4 20.58 26.42 35.77
N ASP B 5 21.63 25.75 36.25
CA ASP B 5 22.42 24.88 35.37
C ASP B 5 21.55 23.81 34.75
N LEU B 6 20.83 23.04 35.57
CA LEU B 6 20.00 21.95 35.04
C LEU B 6 18.99 22.48 34.05
N LEU B 7 18.31 23.57 34.40
CA LEU B 7 17.29 24.13 33.51
C LEU B 7 17.88 24.50 32.16
N ILE B 8 19.09 25.06 32.16
CA ILE B 8 19.74 25.39 30.89
C ILE B 8 20.17 24.12 30.18
N VAL B 9 20.54 23.08 30.93
CA VAL B 9 20.81 21.79 30.30
C VAL B 9 19.52 21.20 29.75
N GLU B 10 18.41 21.41 30.44
CA GLU B 10 17.14 20.87 29.97
C GLU B 10 16.64 21.62 28.76
N VAL B 11 16.77 22.95 28.76
CA VAL B 11 16.24 23.73 27.65
C VAL B 11 17.01 23.44 26.37
N VAL B 12 18.33 23.25 26.47
CA VAL B 12 19.09 22.87 25.29
C VAL B 12 18.75 21.45 24.86
N LEU B 13 18.53 20.56 25.83
CA LEU B 13 18.01 19.24 25.51
C LEU B 13 16.57 19.33 24.99
N PHE B 14 15.80 20.30 25.50
CA PHE B 14 14.46 20.53 24.98
C PHE B 14 14.51 21.12 23.59
N ILE B 15 15.44 22.05 23.36
CA ILE B 15 15.60 22.62 22.02
C ILE B 15 16.14 21.57 21.06
N ALA B 16 17.09 20.75 21.52
CA ALA B 16 17.65 19.73 20.64
C ALA B 16 16.63 18.62 20.35
N ALA B 17 15.80 18.28 21.34
CA ALA B 17 14.82 17.23 21.14
C ALA B 17 13.77 17.65 20.12
N LEU B 18 13.37 18.93 20.15
CA LEU B 18 12.41 19.42 19.15
C LEU B 18 13.00 19.35 17.76
N LEU B 19 14.26 19.79 17.60
CA LEU B 19 14.91 19.74 16.30
C LEU B 19 15.14 18.31 15.83
N PHE B 20 15.31 17.37 16.76
CA PHE B 20 15.46 15.98 16.37
C PHE B 20 14.16 15.40 15.85
N SER B 21 13.03 15.81 16.44
CA SER B 21 11.73 15.32 15.96
C SER B 21 11.46 15.77 14.54
N GLY B 22 11.83 17.02 14.21
CA GLY B 22 11.63 17.50 12.86
C GLY B 22 12.44 16.73 11.84
N PHE B 23 13.64 16.29 12.23
CA PHE B 23 14.46 15.48 11.31
C PHE B 23 13.84 14.12 11.07
N PHE B 24 13.23 13.53 12.10
CA PHE B 24 12.62 12.21 11.95
C PHE B 24 11.29 12.28 11.21
N SER B 25 10.47 13.28 11.50
CA SER B 25 9.17 13.39 10.86
C SER B 25 9.29 13.79 9.39
N SER B 26 10.17 14.75 9.10
CA SER B 26 10.38 15.18 7.73
C SER B 26 11.08 14.11 6.88
N SER B 27 11.82 13.20 7.53
CA SER B 27 12.56 12.20 6.78
C SER B 27 11.63 11.15 6.17
N GLU B 28 10.59 10.76 6.91
CA GLU B 28 9.62 9.82 6.36
C GLU B 28 8.93 10.41 5.14
N VAL B 29 8.46 11.65 5.25
CA VAL B 29 7.79 12.30 4.12
C VAL B 29 8.69 12.30 2.89
N ALA B 30 9.92 12.77 3.06
CA ALA B 30 10.85 12.80 1.92
C ALA B 30 11.23 11.40 1.48
N LEU B 31 11.40 10.48 2.42
CA LEU B 31 11.81 9.12 2.07
C LEU B 31 10.74 8.42 1.24
N ILE B 32 9.49 8.45 1.71
CA ILE B 32 8.44 7.70 1.03
C ILE B 32 7.97 8.43 -0.21
N SER B 33 7.91 9.77 -0.18
CA SER B 33 7.37 10.51 -1.31
C SER B 33 8.21 10.34 -2.57
N ILE B 34 9.49 9.99 -2.43
CA ILE B 34 10.34 9.83 -3.59
C ILE B 34 9.79 8.75 -4.50
N THR B 35 9.81 9.02 -5.81
CA THR B 35 9.34 8.04 -6.79
C THR B 35 10.39 6.95 -6.97
N ARG B 36 9.91 5.72 -7.18
CA ARG B 36 10.81 4.58 -7.25
C ARG B 36 11.80 4.73 -8.41
N ALA B 37 11.29 4.98 -9.62
CA ALA B 37 12.17 5.11 -10.77
C ALA B 37 13.18 6.24 -10.59
N LYS B 38 12.74 7.35 -9.98
CA LYS B 38 13.66 8.45 -9.72
C LYS B 38 14.78 8.04 -8.77
N VAL B 39 14.49 7.12 -7.84
CA VAL B 39 15.52 6.66 -6.92
C VAL B 39 16.60 5.87 -7.66
N HIS B 40 16.19 5.04 -8.62
CA HIS B 40 17.15 4.25 -9.38
C HIS B 40 18.06 5.14 -10.21
N ALA B 41 17.49 6.14 -10.90
CA ALA B 41 18.29 7.04 -11.71
C ALA B 41 19.31 7.78 -10.84
N LEU B 42 18.90 8.24 -9.66
CA LEU B 42 19.82 8.90 -8.76
C LEU B 42 20.91 7.94 -8.30
N GLN B 43 20.54 6.69 -8.00
CA GLN B 43 21.54 5.70 -7.60
C GLN B 43 22.56 5.48 -8.70
N SER B 44 22.11 5.45 -9.96
CA SER B 44 23.05 5.29 -11.07
C SER B 44 23.95 6.50 -11.21
N GLN B 45 23.41 7.70 -11.01
CA GLN B 45 24.19 8.93 -11.10
C GLN B 45 25.26 8.98 -10.03
N ALA B 50 22.09 8.17 -1.22
CA ALA B 50 21.55 7.56 -2.43
C ALA B 50 21.56 6.03 -2.28
N LYS B 51 22.75 5.44 -2.32
CA LYS B 51 22.85 3.99 -2.13
C LYS B 51 22.23 3.57 -0.80
N ALA B 52 22.37 4.41 0.23
CA ALA B 52 21.70 4.13 1.49
C ALA B 52 20.19 4.32 1.36
N LEU B 53 19.77 5.32 0.56
CA LEU B 53 18.34 5.53 0.34
C LEU B 53 17.71 4.32 -0.33
N ASP B 54 18.40 3.74 -1.32
CA ASP B 54 17.90 2.53 -1.95
C ASP B 54 17.86 1.37 -0.98
N THR B 55 18.83 1.30 -0.07
CA THR B 55 18.85 0.24 0.93
C THR B 55 17.62 0.34 1.83
N LEU B 56 17.35 1.54 2.35
CA LEU B 56 16.18 1.72 3.21
C LEU B 56 14.88 1.53 2.44
N LYS B 57 14.87 1.90 1.15
CA LYS B 57 13.66 1.73 0.35
C LYS B 57 13.33 0.26 0.11
N ARG B 58 14.31 -0.64 0.24
CA ARG B 58 14.04 -2.05 0.04
C ARG B 58 12.92 -2.54 0.95
N SER B 59 12.89 -2.06 2.20
CA SER B 59 11.82 -2.36 3.15
C SER B 59 11.14 -1.02 3.47
N THR B 60 10.12 -0.69 2.69
CA THR B 60 9.44 0.60 2.86
C THR B 60 8.93 0.77 4.28
N ASP B 61 8.37 -0.29 4.87
CA ASP B 61 7.86 -0.19 6.22
C ASP B 61 8.98 0.03 7.24
N ALA B 62 10.18 -0.47 6.94
CA ALA B 62 11.31 -0.29 7.86
C ALA B 62 11.57 1.19 8.12
N ILE B 63 11.54 2.01 7.06
CA ILE B 63 11.69 3.45 7.24
C ILE B 63 10.65 3.98 8.22
N GLN B 64 9.42 3.45 8.14
CA GLN B 64 8.35 3.91 9.01
C GLN B 64 8.62 3.54 10.47
N ILE B 65 9.15 2.33 10.70
CA ILE B 65 9.43 1.92 12.08
C ILE B 65 10.52 2.81 12.68
N THR B 66 11.65 2.94 11.97
CA THR B 66 12.76 3.73 12.49
C THR B 66 12.31 5.17 12.75
N THR B 67 11.64 5.78 11.78
CA THR B 67 11.20 7.16 11.96
C THR B 67 10.17 7.28 13.08
N LEU B 68 9.22 6.34 13.15
CA LEU B 68 8.20 6.41 14.18
C LEU B 68 8.82 6.44 15.58
N ILE B 69 9.78 5.53 15.82
CA ILE B 69 10.43 5.51 17.13
C ILE B 69 11.21 6.80 17.36
N GLY B 70 11.80 7.35 16.30
CA GLY B 70 12.55 8.57 16.44
C GLY B 70 11.66 9.75 16.82
N SER B 71 10.55 9.92 16.10
CA SER B 71 9.68 11.06 16.37
C SER B 71 8.98 10.91 17.71
N THR B 72 8.58 9.68 18.07
CA THR B 72 7.87 9.48 19.32
C THR B 72 8.76 9.76 20.52
N ILE B 73 9.96 9.18 20.54
CA ILE B 73 10.88 9.40 21.65
C ILE B 73 11.29 10.86 21.72
N ALA B 74 11.49 11.50 20.56
CA ALA B 74 11.87 12.90 20.56
C ALA B 74 10.76 13.77 21.15
N ASN B 75 9.50 13.49 20.81
CA ASN B 75 8.39 14.30 21.27
C ASN B 75 8.03 14.01 22.73
N VAL B 76 8.24 12.78 23.19
CA VAL B 76 8.07 12.48 24.61
C VAL B 76 9.06 13.31 25.44
N ALA B 77 10.31 13.40 24.98
CA ALA B 77 11.32 14.14 25.73
C ALA B 77 11.00 15.63 25.75
N VAL B 78 10.55 16.18 24.62
CA VAL B 78 10.15 17.58 24.57
C VAL B 78 9.18 17.88 25.70
N ALA B 79 8.16 17.03 25.85
CA ALA B 79 7.22 17.20 26.95
C ALA B 79 7.91 16.94 28.29
N SER B 80 8.60 15.80 28.40
CA SER B 80 9.29 15.45 29.63
C SER B 80 10.14 16.60 30.14
N LEU B 81 10.93 17.20 29.25
CA LEU B 81 11.83 18.27 29.66
C LEU B 81 11.05 19.55 29.97
N ALA B 82 10.16 19.96 29.07
CA ALA B 82 9.42 21.20 29.30
C ALA B 82 8.59 21.13 30.56
N THR B 83 8.08 19.95 30.91
CA THR B 83 7.26 19.82 32.11
C THR B 83 8.11 19.70 33.37
N ALA B 84 9.38 19.31 33.23
CA ALA B 84 10.32 19.47 34.34
C ALA B 84 10.74 20.93 34.44
N ILE B 85 11.13 21.54 33.31
CA ILE B 85 11.31 22.98 33.26
C ILE B 85 10.02 23.68 33.65
N GLY B 86 8.87 23.05 33.38
CA GLY B 86 7.60 23.68 33.70
C GLY B 86 7.33 23.75 35.18
N ILE B 87 7.57 22.64 35.90
CA ILE B 87 7.24 22.60 37.31
C ILE B 87 8.24 23.39 38.13
N THR B 88 9.52 23.37 37.73
CA THR B 88 10.53 24.14 38.44
C THR B 88 10.37 25.63 38.24
N LEU B 89 9.44 26.06 37.39
CA LEU B 89 9.17 27.48 37.16
C LEU B 89 7.79 27.91 37.65
N TYR B 90 6.76 27.06 37.50
CA TYR B 90 5.39 27.44 37.82
C TYR B 90 4.73 26.48 38.80
N GLY B 91 5.47 25.56 39.39
CA GLY B 91 4.89 24.64 40.35
C GLY B 91 4.07 23.55 39.69
N ASN B 92 3.13 23.00 40.46
CA ASN B 92 2.26 21.96 39.93
C ASN B 92 1.57 22.41 38.64
N LEU B 93 1.17 23.68 38.59
CA LEU B 93 0.62 24.24 37.36
C LEU B 93 1.60 24.19 36.20
N GLY B 94 2.88 23.91 36.48
CA GLY B 94 3.87 23.83 35.41
C GLY B 94 3.66 22.65 34.49
N ILE B 95 3.09 21.55 35.00
CA ILE B 95 2.78 20.42 34.14
C ILE B 95 1.74 20.82 33.09
N ALA B 96 0.79 21.67 33.50
CA ALA B 96 -0.19 22.20 32.54
C ALA B 96 0.49 23.15 31.55
N VAL B 97 1.30 24.07 32.07
CA VAL B 97 2.06 24.95 31.19
C VAL B 97 2.96 24.13 30.28
N GLY B 98 3.72 23.20 30.87
CA GLY B 98 4.59 22.36 30.06
C GLY B 98 3.82 21.52 29.04
N LEU B 99 2.65 21.02 29.44
CA LEU B 99 1.84 20.24 28.51
C LEU B 99 1.28 21.11 27.39
N VAL B 100 0.89 22.35 27.72
CA VAL B 100 0.37 23.24 26.70
C VAL B 100 1.45 23.64 25.71
N VAL B 101 2.58 24.16 26.22
CA VAL B 101 3.61 24.68 25.34
C VAL B 101 4.31 23.57 24.58
N ALA B 102 4.63 22.47 25.26
CA ALA B 102 5.28 21.35 24.58
C ALA B 102 4.36 20.72 23.54
N ALA B 103 3.05 20.77 23.78
CA ALA B 103 2.12 20.23 22.80
C ALA B 103 2.02 21.14 21.58
N VAL B 104 2.06 22.46 21.79
CA VAL B 104 1.99 23.39 20.68
C VAL B 104 3.24 23.29 19.82
N LEU B 105 4.41 23.16 20.45
CA LEU B 105 5.65 23.16 19.68
C LEU B 105 5.85 21.86 18.92
N VAL B 106 5.45 20.73 19.51
CA VAL B 106 5.65 19.44 18.83
C VAL B 106 4.84 19.38 17.54
N LEU B 107 3.67 20.04 17.52
CA LEU B 107 2.90 20.10 16.28
C LEU B 107 3.52 21.08 15.31
N VAL B 108 3.74 22.32 15.76
CA VAL B 108 4.19 23.38 14.86
C VAL B 108 5.56 23.06 14.29
N PHE B 109 6.54 22.77 15.17
CA PHE B 109 7.92 22.59 14.75
C PHE B 109 8.38 21.14 14.77
N GLY B 110 7.55 20.20 15.22
CA GLY B 110 8.00 18.83 15.38
C GLY B 110 7.33 17.83 14.47
N GLU B 111 6.11 18.13 14.01
CA GLU B 111 5.37 17.17 13.20
C GLU B 111 4.62 17.84 12.04
N ILE B 112 3.71 18.75 12.34
CA ILE B 112 2.93 19.38 11.27
C ILE B 112 3.84 20.19 10.35
N GLY B 113 4.65 21.06 10.93
CA GLY B 113 5.53 21.92 10.17
C GLY B 113 6.45 21.18 9.22
N PRO B 114 7.32 20.33 9.75
CA PRO B 114 8.31 19.67 8.88
C PRO B 114 7.70 18.77 7.82
N LYS B 115 6.52 18.19 8.08
CA LYS B 115 5.91 17.31 7.10
C LYS B 115 5.50 18.08 5.85
N MET B 116 4.96 19.29 6.02
CA MET B 116 4.55 20.09 4.87
C MET B 116 5.76 20.57 4.08
N TYR B 117 6.77 21.12 4.77
CA TYR B 117 7.94 21.66 4.08
C TYR B 117 8.78 20.57 3.42
N ALA B 118 8.59 19.31 3.80
CA ALA B 118 9.38 18.23 3.20
C ALA B 118 8.99 18.00 1.75
N SER B 119 7.74 18.28 1.38
CA SER B 119 7.33 18.10 -0.02
C SER B 119 7.91 19.19 -0.92
N ARG B 120 8.11 20.40 -0.38
CA ARG B 120 8.65 21.49 -1.18
C ARG B 120 10.11 21.24 -1.55
N TYR B 121 10.93 20.88 -0.56
CA TYR B 121 12.33 20.56 -0.81
C TYR B 121 12.57 19.07 -0.58
N THR B 122 11.75 18.23 -1.22
CA THR B 122 11.84 16.79 -1.00
C THR B 122 13.11 16.20 -1.58
N GLU B 123 13.66 16.82 -2.62
CA GLU B 123 14.85 16.26 -3.28
C GLU B 123 16.05 16.29 -2.35
N GLU B 124 16.49 17.49 -1.97
CA GLU B 124 17.72 17.61 -1.18
C GLU B 124 17.56 16.97 0.21
N LEU B 125 16.38 17.13 0.82
CA LEU B 125 16.19 16.60 2.17
C LEU B 125 16.22 15.08 2.17
N ALA B 126 15.70 14.45 1.10
CA ALA B 126 15.68 12.98 1.06
C ALA B 126 17.09 12.40 1.07
N LEU B 127 18.01 13.01 0.31
CA LEU B 127 19.37 12.48 0.25
C LEU B 127 20.15 12.81 1.53
N ARG B 128 19.90 13.98 2.13
CA ARG B 128 20.64 14.37 3.31
C ARG B 128 20.32 13.46 4.50
N VAL B 129 19.05 13.05 4.62
CA VAL B 129 18.64 12.21 5.74
C VAL B 129 18.67 10.71 5.42
N SER B 130 19.18 10.34 4.24
CA SER B 130 19.26 8.92 3.88
C SER B 130 20.25 8.18 4.79
N ARG B 131 21.50 8.64 4.81
CA ARG B 131 22.53 7.98 5.62
C ARG B 131 22.19 7.98 7.11
N PRO B 132 21.90 9.11 7.74
CA PRO B 132 21.67 9.08 9.20
C PRO B 132 20.50 8.20 9.61
N ILE B 133 19.37 8.28 8.89
CA ILE B 133 18.26 7.39 9.19
C ILE B 133 18.66 5.94 9.02
N LEU B 134 19.58 5.67 8.08
CA LEU B 134 20.09 4.31 7.92
C LEU B 134 21.01 3.92 9.07
N PHE B 135 21.68 4.89 9.69
CA PHE B 135 22.47 4.59 10.88
C PHE B 135 21.56 4.35 12.08
N PHE B 136 20.54 5.19 12.26
CA PHE B 136 19.59 4.96 13.35
C PHE B 136 18.87 3.64 13.19
N SER B 137 18.52 3.26 11.96
CA SER B 137 17.85 1.99 11.74
C SER B 137 18.74 0.82 12.17
N LYS B 138 20.04 0.90 11.89
CA LYS B 138 20.96 -0.12 12.38
C LYS B 138 21.05 -0.09 13.90
N LEU B 139 20.94 1.08 14.52
CA LEU B 139 20.86 1.16 15.97
C LEU B 139 19.54 0.57 16.46
N LEU B 140 18.43 0.94 15.83
CA LEU B 140 17.12 0.43 16.18
C LEU B 140 16.81 -0.91 15.51
N TYR B 141 17.81 -1.57 14.94
CA TYR B 141 17.57 -2.82 14.23
C TYR B 141 17.10 -3.94 15.16
N PRO B 142 17.71 -4.17 16.34
CA PRO B 142 17.24 -5.28 17.17
C PRO B 142 15.76 -5.20 17.51
N VAL B 143 15.27 -4.02 17.89
CA VAL B 143 13.84 -3.87 18.15
C VAL B 143 13.04 -4.15 16.90
N LEU B 144 13.54 -3.72 15.73
CA LEU B 144 12.86 -3.99 14.48
C LEU B 144 12.77 -5.49 14.22
N TRP B 145 13.77 -6.27 14.65
CA TRP B 145 13.71 -7.71 14.49
C TRP B 145 12.50 -8.29 15.21
N VAL B 146 12.11 -7.71 16.34
CA VAL B 146 10.94 -8.19 17.05
C VAL B 146 9.67 -7.90 16.24
N THR B 147 9.62 -6.75 15.59
CA THR B 147 8.44 -6.40 14.80
C THR B 147 8.27 -7.37 13.63
N ASP B 148 9.33 -7.59 12.87
CA ASP B 148 9.33 -8.54 11.75
C ASP B 148 8.12 -8.37 10.85
N GLU B 169 -15.91 -27.43 -10.22
CA GLU B 169 -15.25 -26.38 -9.45
C GLU B 169 -15.14 -25.10 -10.28
N ILE B 170 -14.06 -24.98 -11.04
CA ILE B 170 -13.88 -23.80 -11.89
C ILE B 170 -14.98 -23.72 -12.93
N LYS B 171 -15.38 -24.87 -13.48
CA LYS B 171 -16.43 -24.87 -14.50
C LYS B 171 -17.76 -24.37 -13.95
N GLU B 172 -18.02 -24.62 -12.66
CA GLU B 172 -19.29 -24.21 -12.08
C GLU B 172 -19.43 -22.69 -12.11
N TRP B 173 -18.41 -21.97 -11.64
CA TRP B 173 -18.49 -20.51 -11.61
C TRP B 173 -18.69 -19.93 -13.01
N ILE B 174 -18.05 -20.53 -14.01
CA ILE B 174 -18.14 -20.00 -15.37
C ILE B 174 -19.48 -20.36 -16.00
N ASP B 175 -19.90 -21.62 -15.87
CA ASP B 175 -21.18 -22.02 -16.44
C ASP B 175 -22.32 -21.15 -15.93
N VAL B 176 -22.21 -20.67 -14.69
CA VAL B 176 -23.25 -19.81 -14.14
C VAL B 176 -23.24 -18.45 -14.83
N GLY B 177 -22.04 -17.90 -15.08
CA GLY B 177 -21.97 -16.60 -15.74
C GLY B 177 -22.70 -16.59 -17.08
N GLU B 178 -22.56 -17.66 -17.85
CA GLU B 178 -23.22 -17.72 -19.15
C GLU B 178 -24.74 -17.75 -18.98
N GLU B 179 -25.24 -18.38 -17.92
CA GLU B 179 -26.68 -18.43 -17.70
C GLU B 179 -27.22 -17.07 -17.26
N GLU B 180 -26.46 -16.35 -16.45
CA GLU B 180 -26.83 -15.00 -16.05
C GLU B 180 -26.55 -13.97 -17.15
N GLY B 181 -26.15 -14.42 -18.33
CA GLY B 181 -25.80 -13.51 -19.40
C GLY B 181 -24.48 -12.78 -19.22
N THR B 182 -23.76 -13.05 -18.14
CA THR B 182 -22.50 -12.36 -17.89
C THR B 182 -21.45 -12.74 -18.92
N ILE B 183 -21.35 -14.02 -19.26
CA ILE B 183 -20.31 -14.49 -20.15
C ILE B 183 -20.96 -15.09 -21.39
N GLU B 184 -20.25 -15.00 -22.51
CA GLU B 184 -20.62 -15.69 -23.73
C GLU B 184 -19.78 -16.96 -23.86
N GLU B 185 -20.43 -18.06 -24.24
CA GLU B 185 -19.73 -19.33 -24.31
C GLU B 185 -18.57 -19.31 -25.29
N GLU B 186 -18.58 -18.40 -26.26
CA GLU B 186 -17.45 -18.31 -27.19
C GLU B 186 -16.20 -17.82 -26.49
N GLU B 187 -16.35 -16.88 -25.54
CA GLU B 187 -15.23 -16.31 -24.80
C GLU B 187 -14.88 -17.13 -23.57
N ARG B 188 -15.16 -18.43 -23.57
CA ARG B 188 -14.90 -19.25 -22.39
C ARG B 188 -13.46 -19.75 -22.37
N ASP B 189 -12.96 -20.22 -23.52
CA ASP B 189 -11.59 -20.75 -23.57
C ASP B 189 -10.57 -19.69 -23.17
N MET B 190 -10.66 -18.51 -23.78
CA MET B 190 -9.70 -17.45 -23.47
C MET B 190 -9.74 -17.10 -21.98
N LEU B 191 -10.95 -17.03 -21.41
CA LEU B 191 -11.06 -16.79 -19.98
C LEU B 191 -10.26 -17.82 -19.20
N TYR B 192 -10.32 -19.08 -19.61
CA TYR B 192 -9.62 -20.14 -18.88
C TYR B 192 -8.14 -19.82 -18.74
N SER B 193 -7.49 -19.36 -19.81
CA SER B 193 -6.07 -19.07 -19.74
C SER B 193 -5.78 -17.87 -18.86
N VAL B 194 -6.62 -16.84 -18.92
CA VAL B 194 -6.41 -15.67 -18.09
C VAL B 194 -6.43 -16.04 -16.62
N LEU B 195 -7.25 -17.03 -16.25
CA LEU B 195 -7.26 -17.49 -14.86
C LEU B 195 -6.02 -18.33 -14.56
N ARG B 196 -5.61 -19.19 -15.50
CA ARG B 196 -4.39 -19.97 -15.32
C ARG B 196 -3.14 -19.12 -15.42
N PHE B 197 -3.24 -17.92 -15.98
CA PHE B 197 -2.10 -17.02 -16.04
C PHE B 197 -1.82 -16.39 -14.68
N GLY B 198 -2.86 -15.92 -13.99
CA GLY B 198 -2.67 -15.35 -12.67
C GLY B 198 -2.26 -16.39 -11.64
N ASP B 199 -2.89 -17.58 -11.70
CA ASP B 199 -2.58 -18.61 -10.73
C ASP B 199 -1.19 -19.21 -10.94
N THR B 200 -0.69 -19.19 -12.17
CA THR B 200 0.60 -19.79 -12.44
C THR B 200 1.72 -19.02 -11.74
N THR B 201 2.65 -19.76 -11.15
CA THR B 201 3.78 -19.20 -10.42
C THR B 201 5.05 -19.30 -11.26
N ALA B 202 6.10 -18.62 -10.80
CA ALA B 202 7.37 -18.67 -11.50
C ALA B 202 8.01 -20.04 -11.42
N ARG B 203 7.77 -20.77 -10.33
CA ARG B 203 8.38 -22.10 -10.17
C ARG B 203 7.92 -23.05 -11.26
N GLU B 204 6.69 -22.89 -11.75
CA GLU B 204 6.15 -23.80 -12.76
C GLU B 204 6.75 -23.53 -14.14
N VAL B 205 6.87 -22.26 -14.51
CA VAL B 205 7.28 -21.92 -15.87
C VAL B 205 8.79 -21.80 -16.05
N MET B 206 9.54 -21.62 -14.97
CA MET B 206 10.96 -21.35 -15.07
C MET B 206 11.72 -22.53 -15.67
N THR B 207 13.05 -22.41 -15.70
CA THR B 207 13.93 -23.47 -16.14
C THR B 207 14.76 -23.95 -14.96
N PRO B 208 14.85 -25.25 -14.71
CA PRO B 208 15.54 -25.71 -13.50
C PRO B 208 17.02 -25.36 -13.51
N ARG B 209 17.60 -25.27 -12.31
CA ARG B 209 19.00 -24.89 -12.19
C ARG B 209 19.91 -25.86 -12.95
N VAL B 210 19.66 -27.16 -12.82
CA VAL B 210 20.58 -28.15 -13.38
C VAL B 210 20.76 -27.93 -14.88
N ASP B 211 19.72 -27.45 -15.57
CA ASP B 211 19.77 -27.28 -17.01
C ASP B 211 20.09 -25.86 -17.44
N VAL B 212 20.38 -24.96 -16.51
CA VAL B 212 20.70 -23.58 -16.84
C VAL B 212 22.16 -23.48 -17.27
N VAL B 213 22.42 -22.64 -18.27
CA VAL B 213 23.78 -22.34 -18.68
C VAL B 213 24.34 -21.25 -17.78
N MET B 214 25.66 -21.23 -17.62
CA MET B 214 26.27 -20.30 -16.70
C MET B 214 27.71 -20.03 -17.12
N ILE B 215 28.20 -18.87 -16.70
CA ILE B 215 29.61 -18.51 -16.86
C ILE B 215 30.03 -17.75 -15.60
N GLU B 216 31.24 -18.03 -15.12
CA GLU B 216 31.69 -17.44 -13.88
C GLU B 216 31.99 -15.96 -14.06
N ASP B 217 31.97 -15.22 -12.94
CA ASP B 217 32.32 -13.81 -12.98
C ASP B 217 33.81 -13.58 -13.22
N THR B 218 34.61 -14.64 -13.20
CA THR B 218 36.04 -14.59 -13.48
C THR B 218 36.31 -15.53 -14.66
N ALA B 219 36.00 -15.06 -15.86
CA ALA B 219 36.25 -15.83 -17.07
C ALA B 219 36.53 -14.85 -18.21
N THR B 220 37.33 -15.31 -19.17
CA THR B 220 37.71 -14.44 -20.28
C THR B 220 36.52 -14.21 -21.20
N LEU B 221 36.42 -12.97 -21.70
CA LEU B 221 35.32 -12.63 -22.61
C LEU B 221 35.28 -13.57 -23.81
N GLU B 222 36.42 -14.12 -24.20
CA GLU B 222 36.43 -15.08 -25.30
C GLU B 222 35.62 -16.33 -24.94
N SER B 223 35.70 -16.76 -23.67
CA SER B 223 34.99 -17.97 -23.27
C SER B 223 33.48 -17.77 -23.25
N ALA B 224 33.03 -16.58 -22.84
CA ALA B 224 31.59 -16.28 -22.89
C ALA B 224 31.08 -16.39 -24.32
N LEU B 225 31.83 -15.83 -25.28
CA LEU B 225 31.41 -15.90 -26.67
C LEU B 225 31.25 -17.34 -27.13
N ALA B 226 32.12 -18.23 -26.67
CA ALA B 226 31.94 -19.65 -26.96
C ALA B 226 30.61 -20.13 -26.40
N ILE B 227 30.35 -19.85 -25.12
CA ILE B 227 29.08 -20.23 -24.52
C ILE B 227 27.92 -19.63 -25.30
N PHE B 228 28.06 -18.38 -25.75
CA PHE B 228 26.98 -17.74 -26.49
C PHE B 228 26.71 -18.41 -27.83
N ASN B 229 27.67 -19.16 -28.38
CA ASN B 229 27.51 -19.84 -29.65
C ASN B 229 27.22 -21.33 -29.50
N GLU B 230 27.87 -22.00 -28.55
CA GLU B 230 27.55 -23.40 -28.28
C GLU B 230 26.09 -23.54 -27.88
N THR B 231 25.64 -22.71 -26.95
CA THR B 231 24.25 -22.74 -26.52
C THR B 231 23.35 -21.89 -27.43
N GLY B 232 23.86 -20.74 -27.87
CA GLY B 232 23.11 -19.86 -28.72
C GLY B 232 22.36 -18.75 -28.00
N PHE B 233 22.31 -18.78 -26.68
CA PHE B 233 21.58 -17.77 -25.94
C PHE B 233 22.30 -16.43 -25.99
N SER B 234 21.60 -15.38 -25.60
CA SER B 234 22.14 -14.02 -25.56
C SER B 234 22.41 -13.53 -24.16
N LEU B 235 21.58 -13.89 -23.19
CA LEU B 235 21.78 -13.56 -21.79
C LEU B 235 22.12 -14.85 -21.04
N ILE B 236 23.36 -14.96 -20.59
CA ILE B 236 23.81 -16.12 -19.81
C ILE B 236 24.11 -15.64 -18.40
N PRO B 237 23.64 -16.34 -17.37
CA PRO B 237 23.91 -15.88 -16.00
C PRO B 237 25.40 -15.80 -15.69
N VAL B 238 25.70 -15.07 -14.64
CA VAL B 238 27.07 -14.91 -14.15
C VAL B 238 27.08 -15.33 -12.68
N TYR B 239 27.62 -16.51 -12.41
CA TYR B 239 27.76 -16.97 -11.04
C TYR B 239 29.11 -16.51 -10.46
N HIS B 240 29.28 -16.69 -9.15
CA HIS B 240 30.42 -16.14 -8.42
C HIS B 240 31.03 -17.22 -7.54
N GLU B 241 31.90 -18.02 -8.14
CA GLU B 241 32.60 -19.11 -7.45
C GLU B 241 31.67 -20.20 -6.93
N ARG B 242 30.36 -20.05 -7.13
CA ARG B 242 29.41 -21.03 -6.62
C ARG B 242 28.15 -20.94 -7.47
N ILE B 243 27.62 -22.10 -7.85
CA ILE B 243 26.43 -22.12 -8.70
C ILE B 243 25.27 -21.41 -8.02
N ASP B 244 25.27 -21.35 -6.68
CA ASP B 244 24.19 -20.73 -5.94
C ASP B 244 24.25 -19.21 -5.97
N ASN B 245 25.45 -18.65 -6.11
CA ASN B 245 25.67 -17.21 -5.97
C ASN B 245 25.75 -16.59 -7.35
N ILE B 246 24.61 -16.14 -7.85
CA ILE B 246 24.54 -15.37 -9.09
C ILE B 246 24.67 -13.89 -8.74
N VAL B 247 25.55 -13.20 -9.46
CA VAL B 247 25.84 -11.79 -9.19
C VAL B 247 25.54 -10.90 -10.38
N GLY B 248 25.17 -11.46 -11.52
CA GLY B 248 24.87 -10.63 -12.67
C GLY B 248 24.49 -11.46 -13.87
N LEU B 249 23.94 -10.77 -14.86
CA LEU B 249 23.60 -11.35 -16.15
C LEU B 249 24.44 -10.66 -17.22
N LEU B 250 24.86 -11.43 -18.22
CA LEU B 250 25.78 -10.96 -19.24
C LEU B 250 25.09 -11.04 -20.59
N ASN B 251 24.92 -9.89 -21.24
CA ASN B 251 24.42 -9.85 -22.60
C ASN B 251 25.56 -10.09 -23.57
N VAL B 252 25.26 -10.81 -24.65
CA VAL B 252 26.30 -11.14 -25.63
C VAL B 252 26.73 -9.88 -26.39
N LYS B 253 25.81 -8.94 -26.60
CA LYS B 253 26.18 -7.69 -27.24
C LYS B 253 27.26 -6.96 -26.47
N ASP B 254 27.25 -7.07 -25.13
CA ASP B 254 28.27 -6.42 -24.32
C ASP B 254 29.63 -7.12 -24.47
N VAL B 255 29.63 -8.43 -24.66
CA VAL B 255 30.88 -9.16 -24.81
C VAL B 255 31.45 -8.97 -26.21
N PHE B 256 30.62 -9.20 -27.23
CA PHE B 256 31.09 -9.07 -28.61
C PHE B 256 31.63 -7.68 -28.88
N SER B 257 31.04 -6.65 -28.27
CA SER B 257 31.54 -5.29 -28.42
C SER B 257 32.78 -5.02 -27.59
N ALA B 258 33.06 -5.86 -26.59
CA ALA B 258 34.22 -5.65 -25.74
C ALA B 258 35.49 -6.23 -26.38
N VAL B 259 35.41 -7.43 -26.94
CA VAL B 259 36.57 -8.02 -27.58
C VAL B 259 36.94 -7.25 -28.83
N PHE B 260 35.95 -6.76 -29.57
CA PHE B 260 36.22 -5.95 -30.75
C PHE B 260 37.00 -4.69 -30.37
N ARG B 261 36.40 -3.83 -29.55
CA ARG B 261 37.14 -2.69 -29.01
C ARG B 261 38.14 -3.17 -27.96
N GLN B 262 39.34 -3.56 -28.40
CA GLN B 262 40.30 -4.21 -27.52
C GLN B 262 40.48 -3.44 -26.21
N GLN B 263 39.90 -3.95 -25.13
CA GLN B 263 40.06 -3.39 -23.79
C GLN B 263 40.97 -4.32 -23.01
N THR B 264 42.22 -3.91 -22.81
CA THR B 264 43.21 -4.76 -22.16
C THR B 264 42.66 -5.39 -20.88
N SER B 265 41.96 -4.60 -20.08
CA SER B 265 41.31 -5.07 -18.86
C SER B 265 39.81 -4.97 -19.07
N ALA B 266 39.21 -6.07 -19.51
CA ALA B 266 37.77 -6.14 -19.77
C ALA B 266 37.26 -7.47 -19.24
N THR B 267 36.88 -7.49 -17.97
CA THR B 267 36.39 -8.70 -17.33
C THR B 267 34.86 -8.77 -17.41
N ILE B 268 34.32 -9.94 -17.08
CA ILE B 268 32.88 -10.12 -17.09
C ILE B 268 32.23 -9.28 -15.99
N ARG B 269 32.95 -9.04 -14.89
CA ARG B 269 32.37 -8.28 -13.79
C ARG B 269 31.91 -6.90 -14.25
N ASP B 270 32.57 -6.33 -15.27
CA ASP B 270 32.19 -5.02 -15.75
C ASP B 270 30.96 -5.08 -16.64
N LEU B 271 30.91 -6.06 -17.55
CA LEU B 271 29.84 -6.12 -18.54
C LEU B 271 28.53 -6.64 -17.96
N MET B 272 28.61 -7.48 -16.93
CA MET B 272 27.40 -8.01 -16.31
C MET B 272 26.60 -6.88 -15.66
N TYR B 273 25.29 -6.96 -15.76
CA TYR B 273 24.39 -6.00 -15.12
C TYR B 273 23.67 -6.71 -13.98
N GLU B 274 23.45 -6.00 -12.88
CA GLU B 274 22.83 -6.60 -11.71
C GLU B 274 21.48 -7.21 -12.07
N PRO B 275 21.18 -8.42 -11.63
CA PRO B 275 19.92 -9.06 -12.02
C PRO B 275 18.77 -8.62 -11.12
N TYR B 276 17.58 -9.07 -11.50
CA TYR B 276 16.34 -8.84 -10.74
C TYR B 276 15.89 -10.20 -10.20
N PHE B 277 16.18 -10.44 -8.93
CA PHE B 277 15.83 -11.70 -8.28
C PHE B 277 14.36 -11.68 -7.85
N ILE B 278 13.76 -12.87 -7.82
CA ILE B 278 12.37 -13.01 -7.39
C ILE B 278 12.23 -14.30 -6.59
N PRO B 279 11.16 -14.40 -5.79
CA PRO B 279 10.87 -15.68 -5.12
C PRO B 279 10.09 -16.62 -6.03
N GLU B 280 10.12 -17.90 -5.66
CA GLU B 280 9.39 -18.91 -6.42
C GLU B 280 7.89 -18.67 -6.37
N SER B 281 7.39 -17.96 -5.37
CA SER B 281 5.95 -17.73 -5.22
C SER B 281 5.45 -16.56 -6.05
N LYS B 282 6.31 -15.87 -6.79
CA LYS B 282 5.87 -14.75 -7.60
C LYS B 282 4.97 -15.23 -8.72
N LYS B 283 3.81 -14.58 -8.87
CA LYS B 283 2.89 -14.91 -9.95
C LYS B 283 3.41 -14.34 -11.26
N ILE B 284 3.25 -15.09 -12.35
CA ILE B 284 3.84 -14.68 -13.61
C ILE B 284 3.15 -13.46 -14.20
N ASP B 285 1.91 -13.17 -13.79
CA ASP B 285 1.23 -12.00 -14.33
C ASP B 285 1.92 -10.71 -13.87
N GLU B 286 2.33 -10.65 -12.60
CA GLU B 286 3.08 -9.49 -12.13
C GLU B 286 4.46 -9.42 -12.78
N LEU B 287 5.14 -10.57 -12.85
CA LEU B 287 6.50 -10.58 -13.37
C LEU B 287 6.58 -9.95 -14.75
N LEU B 288 5.67 -10.33 -15.65
CA LEU B 288 5.75 -9.83 -17.02
C LEU B 288 5.58 -8.32 -17.06
N LYS B 289 4.64 -7.78 -16.28
CA LYS B 289 4.44 -6.33 -16.27
C LYS B 289 5.69 -5.61 -15.77
N GLU B 290 6.28 -6.11 -14.68
CA GLU B 290 7.45 -5.45 -14.11
C GLU B 290 8.63 -5.51 -15.07
N LEU B 291 8.85 -6.65 -15.71
CA LEU B 291 10.05 -6.81 -16.54
C LEU B 291 10.09 -5.80 -17.68
N GLN B 292 8.93 -5.55 -18.32
CA GLN B 292 8.90 -4.58 -19.40
C GLN B 292 9.00 -3.14 -18.88
N VAL B 293 8.75 -2.93 -17.59
CA VAL B 293 8.94 -1.60 -17.01
C VAL B 293 10.42 -1.31 -16.82
N LYS B 294 11.18 -2.28 -16.32
CA LYS B 294 12.60 -2.10 -16.06
C LYS B 294 13.46 -2.36 -17.29
N LYS B 295 12.87 -2.41 -18.49
CA LYS B 295 13.59 -2.63 -19.74
C LYS B 295 14.37 -3.94 -19.75
N GLN B 296 14.10 -4.83 -18.81
CA GLN B 296 14.73 -6.15 -18.75
C GLN B 296 13.75 -7.17 -19.34
N HIS B 297 14.26 -8.38 -19.55
CA HIS B 297 13.44 -9.44 -20.12
C HIS B 297 13.72 -10.83 -19.55
N MET B 298 14.76 -11.00 -18.75
CA MET B 298 15.01 -12.23 -18.01
C MET B 298 15.02 -11.91 -16.53
N ALA B 299 14.62 -12.89 -15.73
CA ALA B 299 14.57 -12.74 -14.28
C ALA B 299 15.24 -13.93 -13.62
N VAL B 300 15.97 -13.66 -12.54
CA VAL B 300 16.62 -14.70 -11.75
C VAL B 300 15.69 -15.10 -10.61
N VAL B 301 15.72 -16.39 -10.25
CA VAL B 301 14.83 -16.93 -9.24
C VAL B 301 15.66 -17.55 -8.12
N LEU B 302 15.23 -17.31 -6.87
CA LEU B 302 15.89 -17.83 -5.70
C LEU B 302 14.88 -18.59 -4.85
N ASP B 303 15.39 -19.50 -4.02
CA ASP B 303 14.54 -20.32 -3.18
C ASP B 303 14.39 -19.67 -1.80
N GLU B 304 13.77 -20.39 -0.86
CA GLU B 304 13.51 -19.82 0.46
C GLU B 304 14.80 -19.55 1.24
N TYR B 305 15.86 -20.30 0.97
CA TYR B 305 17.11 -20.14 1.68
C TYR B 305 18.01 -19.07 1.08
N GLY B 306 17.63 -18.48 -0.05
CA GLY B 306 18.46 -17.50 -0.72
C GLY B 306 19.41 -18.06 -1.74
N SER B 307 19.23 -19.32 -2.15
CA SER B 307 20.09 -19.94 -3.14
C SER B 307 19.55 -19.66 -4.55
N PHE B 308 20.16 -20.26 -5.56
CA PHE B 308 19.76 -20.08 -6.96
C PHE B 308 18.91 -21.25 -7.41
N ALA B 309 17.82 -20.94 -8.12
CA ALA B 309 16.83 -21.93 -8.53
C ALA B 309 16.65 -22.04 -10.03
N GLY B 310 16.49 -20.93 -10.73
CA GLY B 310 16.30 -20.97 -12.16
C GLY B 310 16.24 -19.58 -12.75
N ILE B 311 15.78 -19.50 -13.99
CA ILE B 311 15.64 -18.23 -14.70
C ILE B 311 14.38 -18.27 -15.56
N VAL B 312 13.58 -17.21 -15.47
CA VAL B 312 12.32 -17.11 -16.18
C VAL B 312 12.45 -16.04 -17.25
N THR B 313 12.32 -16.46 -18.50
CA THR B 313 12.26 -15.51 -19.61
C THR B 313 10.81 -15.20 -19.94
N VAL B 314 10.61 -14.05 -20.58
CA VAL B 314 9.27 -13.69 -21.02
C VAL B 314 8.69 -14.79 -21.91
N GLU B 315 9.55 -15.45 -22.70
CA GLU B 315 9.09 -16.56 -23.52
C GLU B 315 8.58 -17.72 -22.66
N ASP B 316 9.31 -18.04 -21.58
CA ASP B 316 8.88 -19.12 -20.70
C ASP B 316 7.48 -18.87 -20.16
N MET B 317 7.19 -17.63 -19.78
CA MET B 317 5.89 -17.32 -19.20
C MET B 317 4.76 -17.53 -20.21
N LEU B 318 4.97 -17.07 -21.44
CA LEU B 318 3.94 -17.12 -22.47
C LEU B 318 3.89 -18.46 -23.19
N GLU B 319 4.70 -19.45 -22.78
CA GLU B 319 4.70 -20.73 -23.46
C GLU B 319 3.36 -21.46 -23.26
N GLU B 320 2.77 -21.34 -22.08
CA GLU B 320 1.46 -21.96 -21.84
C GLU B 320 0.40 -21.35 -22.74
N LEU B 321 0.47 -20.03 -22.96
CA LEU B 321 -0.47 -19.39 -23.87
C LEU B 321 -0.23 -19.80 -25.31
N VAL B 322 1.02 -20.12 -25.67
CA VAL B 322 1.31 -20.54 -27.03
C VAL B 322 0.83 -21.96 -27.27
N HIS B 323 0.86 -22.82 -26.25
CA HIS B 323 0.37 -24.18 -26.33
C HIS B 323 -0.94 -24.26 -25.55
N HIS B 324 -2.06 -24.17 -26.27
CA HIS B 324 -3.39 -24.19 -25.67
C HIS B 324 -4.11 -25.50 -25.94
#